data_3BRZ
#
_entry.id   3BRZ
#
_cell.length_a   78.302
_cell.length_b   123.344
_cell.length_c   167.134
_cell.angle_alpha   90.00
_cell.angle_beta   90.00
_cell.angle_gamma   90.00
#
_symmetry.space_group_name_H-M   'I 2 2 2'
#
loop_
_entity.id
_entity.type
_entity.pdbx_description
1 polymer TodX
2 non-polymer (HYDROXYETHYLOXY)TRI(ETHYLOXY)OCTANE
#
_entity_poly.entity_id   1
_entity_poly.type   'polypeptide(L)'
_entity_poly.pdbx_seq_one_letter_code
;TQVFDLEGYGAISRAMGGTSSSYYTGNAALISNPATLSFAPDGNQFELGLDVVTTDIKVHDSHGAEAKSSTRSNNRGPYV
GPQLSYVAQLDDWRFGAGLFVSSGLGTEYGSKSFLSQTENGIQTSFDNSSRLIVLRAPIGFSYQATSKLTFGASVDLVWT
SLNLELLLPSSQVGALTAQGNLSGGLVPSLAGFVGTGGAAHFSLSRNSTAGGAVDAVGWGGRLGLTYKLTDNTVLGAMYN
FKTSVGDLEGKATLSAISGDGAVLPLDGDIRVKNFEMPASLTLGLAHQFNERWVVAADIKRAYWGDVMDSMNVAFISQLG
GIDVALPHRYQDITVASIGTAYKYNNDLTLRAGYSYAQQALDSELILPVIPAYLKRHVTFGGEYDFDKDSRINLAISFGL
RERVQTPSYLAGTEMLRQSHSQINAVVSYSKNFHHHHHH
;
_entity_poly.pdbx_strand_id   A
#
loop_
_chem_comp.id
_chem_comp.type
_chem_comp.name
_chem_comp.formula
C8E non-polymer (HYDROXYETHYLOXY)TRI(ETHYLOXY)OCTANE 'C16 H34 O5'
#
# COMPACT_ATOMS: atom_id res chain seq x y z
N THR A 1 -2.76 0.04 0.36
CA THR A 1 -1.50 -0.62 0.76
C THR A 1 -0.06 -0.11 1.13
N GLN A 2 0.65 0.53 0.18
CA GLN A 2 2.05 1.02 0.32
C GLN A 2 2.68 0.57 1.61
N VAL A 3 3.71 -0.27 1.43
CA VAL A 3 4.28 -0.94 2.56
C VAL A 3 4.94 -0.30 3.74
N PHE A 4 4.21 0.72 4.09
CA PHE A 4 4.34 1.34 5.34
C PHE A 4 3.30 2.46 5.23
N ASP A 5 3.41 3.77 5.29
CA ASP A 5 2.11 4.41 4.97
C ASP A 5 2.47 5.68 4.31
N LEU A 6 1.83 5.96 3.18
CA LEU A 6 2.12 7.17 2.46
C LEU A 6 0.82 7.78 1.96
N GLU A 7 0.91 8.67 0.98
CA GLU A 7 -0.28 9.33 0.45
C GLU A 7 -0.45 9.20 -1.06
N GLY A 8 -1.63 9.57 -1.53
CA GLY A 8 -1.92 9.56 -2.95
C GLY A 8 -2.67 8.41 -3.57
N TYR A 9 -3.99 8.48 -3.64
CA TYR A 9 -4.77 7.42 -4.28
C TYR A 9 -5.79 7.97 -5.26
N GLY A 10 -5.85 7.37 -6.44
CA GLY A 10 -6.77 7.82 -7.46
C GLY A 10 -6.05 7.98 -8.78
N ALA A 11 -6.78 7.80 -9.87
CA ALA A 11 -6.22 7.90 -11.22
C ALA A 11 -5.69 9.30 -11.53
N ILE A 12 -6.45 10.32 -11.16
CA ILE A 12 -6.02 11.69 -11.43
C ILE A 12 -5.18 12.26 -10.30
N SER A 13 -5.28 11.67 -9.12
CA SER A 13 -4.49 12.18 -8.00
C SER A 13 -3.07 11.69 -8.04
N ARG A 14 -2.89 10.44 -8.45
CA ARG A 14 -1.57 9.87 -8.55
C ARG A 14 -0.74 10.77 -9.45
N ALA A 15 -1.32 11.14 -10.60
CA ALA A 15 -0.64 12.01 -11.56
C ALA A 15 -0.20 13.35 -10.95
N MET A 16 -0.98 13.87 -10.02
CA MET A 16 -0.63 15.15 -9.41
C MET A 16 0.13 15.03 -8.08
N GLY A 17 1.05 14.06 -8.03
CA GLY A 17 1.86 13.87 -6.84
C GLY A 17 1.16 13.38 -5.59
N GLY A 18 -0.02 12.78 -5.77
CA GLY A 18 -0.77 12.29 -4.64
C GLY A 18 -1.33 13.44 -3.83
N THR A 19 -1.70 14.51 -4.51
CA THR A 19 -2.30 15.63 -3.80
C THR A 19 -3.74 15.22 -3.86
N SER A 20 -4.60 15.74 -2.99
CA SER A 20 -5.98 15.30 -3.04
C SER A 20 -6.95 16.15 -2.25
N SER A 21 -6.53 16.56 -1.06
CA SER A 21 -7.34 17.38 -0.16
C SER A 21 -8.32 18.34 -0.84
N SER A 22 -7.82 19.39 -1.47
CA SER A 22 -8.71 20.40 -2.05
C SER A 22 -8.95 20.54 -3.56
N TYR A 23 -9.85 19.72 -4.12
CA TYR A 23 -10.20 19.80 -5.53
C TYR A 23 -10.86 18.50 -5.93
N TYR A 24 -11.07 18.27 -7.21
CA TYR A 24 -11.77 17.07 -7.58
C TYR A 24 -10.78 16.10 -8.08
N THR A 25 -11.02 14.83 -7.80
CA THR A 25 -10.13 13.78 -8.20
C THR A 25 -10.83 12.45 -8.47
N GLY A 26 -12.07 12.54 -8.94
CA GLY A 26 -12.82 11.34 -9.28
C GLY A 26 -13.35 10.57 -8.10
N ASN A 27 -13.85 9.38 -8.35
CA ASN A 27 -14.41 8.51 -7.32
C ASN A 27 -13.42 7.96 -6.29
N ALA A 28 -12.11 8.14 -6.52
CA ALA A 28 -11.12 7.64 -5.57
C ALA A 28 -11.27 8.52 -4.33
N ALA A 29 -11.82 9.71 -4.54
CA ALA A 29 -12.04 10.64 -3.45
C ALA A 29 -12.76 9.93 -2.31
N LEU A 30 -13.40 8.79 -2.63
CA LEU A 30 -14.12 7.99 -1.65
C LEU A 30 -13.17 7.46 -0.60
N ILE A 31 -11.92 7.26 -1.00
CA ILE A 31 -10.88 6.76 -0.12
C ILE A 31 -9.81 7.83 0.03
N SER A 32 -10.20 9.08 -0.11
CA SER A 32 -9.22 10.14 -0.02
C SER A 32 -9.74 11.29 0.83
N ASN A 33 -10.77 11.93 0.32
CA ASN A 33 -11.43 13.03 1.00
C ASN A 33 -12.79 13.19 0.37
N PRO A 34 -13.76 12.38 0.81
CA PRO A 34 -15.13 12.37 0.31
C PRO A 34 -15.78 13.75 0.14
N ALA A 35 -15.32 14.74 0.89
CA ALA A 35 -15.87 16.10 0.81
C ALA A 35 -15.61 16.63 -0.60
N THR A 36 -14.38 16.38 -1.06
CA THR A 36 -13.92 16.76 -2.37
C THR A 36 -14.92 16.22 -3.40
N LEU A 37 -15.42 15.02 -3.15
CA LEU A 37 -16.39 14.38 -4.03
C LEU A 37 -17.49 15.32 -4.50
N SER A 38 -17.80 16.32 -3.68
CA SER A 38 -18.87 17.27 -4.04
C SER A 38 -18.60 18.03 -5.34
N PHE A 39 -17.33 18.37 -5.59
CA PHE A 39 -16.96 19.08 -6.80
C PHE A 39 -17.28 18.34 -8.09
N ALA A 40 -17.68 17.09 -7.99
CA ALA A 40 -17.99 16.32 -9.17
C ALA A 40 -18.98 16.94 -10.13
N PRO A 41 -18.75 16.74 -11.44
CA PRO A 41 -19.62 17.28 -12.47
C PRO A 41 -21.01 16.72 -12.22
N ASP A 42 -22.03 17.57 -12.22
CA ASP A 42 -23.40 17.14 -11.98
C ASP A 42 -23.78 15.85 -12.72
N GLY A 43 -24.42 14.93 -11.99
CA GLY A 43 -24.82 13.66 -12.57
C GLY A 43 -24.33 12.49 -11.73
N ASN A 44 -24.16 11.34 -12.36
CA ASN A 44 -23.70 10.15 -11.66
C ASN A 44 -22.48 9.59 -12.38
N GLN A 45 -21.32 9.67 -11.74
CA GLN A 45 -20.11 9.15 -12.37
C GLN A 45 -20.07 7.64 -12.27
N PHE A 46 -19.13 7.03 -13.01
CA PHE A 46 -18.98 5.58 -12.99
C PHE A 46 -17.66 5.25 -13.64
N GLU A 47 -16.60 5.22 -12.83
CA GLU A 47 -15.27 4.95 -13.33
C GLU A 47 -14.92 3.48 -13.30
N LEU A 48 -13.91 3.15 -14.10
CA LEU A 48 -13.34 1.81 -14.21
C LEU A 48 -11.86 2.14 -14.21
N GLY A 49 -11.09 1.44 -13.38
CA GLY A 49 -9.66 1.70 -13.30
C GLY A 49 -8.78 0.47 -13.36
N LEU A 50 -7.48 0.69 -13.50
CA LEU A 50 -6.50 -0.38 -13.55
C LEU A 50 -5.24 0.13 -12.90
N ASP A 51 -5.09 -0.11 -11.60
CA ASP A 51 -3.92 0.35 -10.88
C ASP A 51 -2.80 -0.66 -11.10
N VAL A 52 -1.57 -0.17 -11.24
CA VAL A 52 -0.44 -1.08 -11.44
C VAL A 52 0.87 -0.63 -10.83
N VAL A 53 1.51 -1.56 -10.13
CA VAL A 53 2.79 -1.34 -9.46
C VAL A 53 3.77 -2.43 -9.83
N THR A 54 5.05 -2.09 -9.71
CA THR A 54 6.14 -3.04 -9.95
C THR A 54 7.38 -2.43 -9.31
N THR A 55 8.11 -3.27 -8.60
CA THR A 55 9.32 -2.83 -7.91
C THR A 55 10.52 -3.54 -8.51
N ASP A 56 11.65 -2.85 -8.54
CA ASP A 56 12.88 -3.43 -9.07
C ASP A 56 13.90 -3.37 -7.95
N ILE A 57 14.02 -4.45 -7.18
CA ILE A 57 14.96 -4.49 -6.07
C ILE A 57 16.23 -5.19 -6.51
N LYS A 58 17.35 -4.71 -5.98
CA LYS A 58 18.65 -5.28 -6.29
C LYS A 58 19.46 -5.37 -5.00
N VAL A 59 19.44 -6.55 -4.38
CA VAL A 59 20.15 -6.78 -3.12
C VAL A 59 21.49 -7.45 -3.39
N HIS A 60 22.45 -7.19 -2.50
CA HIS A 60 23.78 -7.77 -2.62
C HIS A 60 24.13 -8.59 -1.38
N GLY A 64 30.67 -10.12 -3.91
CA GLY A 64 29.42 -9.66 -4.51
C GLY A 64 28.39 -10.76 -4.66
N ALA A 65 27.15 -10.46 -4.32
CA ALA A 65 26.08 -11.44 -4.43
C ALA A 65 24.77 -10.80 -4.87
N GLU A 66 24.53 -10.83 -6.19
CA GLU A 66 23.32 -10.25 -6.78
C GLU A 66 22.05 -11.06 -6.45
N ALA A 67 20.96 -10.35 -6.25
CA ALA A 67 19.67 -10.95 -5.94
C ALA A 67 18.66 -9.93 -6.44
N LYS A 68 17.98 -10.27 -7.56
CA LYS A 68 17.13 -9.29 -8.24
C LYS A 68 15.65 -9.61 -8.05
N SER A 69 14.87 -8.42 -8.18
CA SER A 69 13.43 -8.55 -8.08
C SER A 69 12.57 -8.35 -9.35
N SER A 70 12.05 -9.48 -9.83
CA SER A 70 11.22 -9.58 -11.03
C SER A 70 11.28 -11.08 -11.46
N THR A 71 12.49 -11.63 -11.69
CA THR A 71 12.61 -13.02 -12.21
C THR A 71 11.27 -13.77 -12.20
N PRO A 78 2.44 -9.29 -13.54
CA PRO A 78 2.26 -8.17 -12.62
C PRO A 78 0.81 -8.10 -12.11
N TYR A 79 0.63 -7.97 -10.78
CA TYR A 79 -0.73 -7.92 -10.27
C TYR A 79 -1.38 -6.60 -10.61
N VAL A 80 -2.48 -6.70 -11.36
CA VAL A 80 -3.25 -5.55 -11.79
C VAL A 80 -4.60 -5.53 -11.08
N GLY A 81 -4.89 -4.43 -10.39
CA GLY A 81 -6.14 -4.33 -9.65
C GLY A 81 -7.21 -3.39 -10.19
N PRO A 82 -8.48 -3.80 -10.04
CA PRO A 82 -9.75 -3.19 -10.42
C PRO A 82 -10.04 -1.81 -9.82
N GLN A 83 -11.26 -1.34 -10.07
CA GLN A 83 -11.67 -0.04 -9.57
C GLN A 83 -13.12 0.36 -9.86
N LEU A 84 -14.07 -0.57 -9.76
CA LEU A 84 -15.48 -0.24 -10.01
C LEU A 84 -16.08 0.69 -8.98
N SER A 85 -16.36 1.94 -9.37
CA SER A 85 -16.97 2.91 -8.46
C SER A 85 -18.07 3.73 -9.13
N TYR A 86 -18.99 4.24 -8.31
CA TYR A 86 -20.13 5.03 -8.79
C TYR A 86 -20.44 6.09 -7.73
N VAL A 87 -20.74 7.29 -8.17
CA VAL A 87 -21.06 8.40 -7.28
C VAL A 87 -22.32 9.14 -7.72
N ALA A 88 -23.48 8.70 -7.23
CA ALA A 88 -24.75 9.33 -7.57
C ALA A 88 -24.90 10.70 -6.89
N GLN A 89 -25.80 11.52 -7.45
CA GLN A 89 -26.07 12.85 -6.93
C GLN A 89 -27.53 12.87 -6.55
N LEU A 90 -27.85 13.67 -5.55
CA LEU A 90 -29.22 13.83 -5.10
C LEU A 90 -29.09 15.14 -4.31
N ASP A 91 -29.54 16.28 -4.89
CA ASP A 91 -29.39 17.63 -4.32
C ASP A 91 -28.55 17.80 -3.08
N ASP A 92 -27.54 18.66 -3.31
CA ASP A 92 -26.57 19.03 -2.32
C ASP A 92 -25.86 17.83 -1.75
N TRP A 93 -26.46 16.65 -1.97
CA TRP A 93 -25.99 15.37 -1.46
C TRP A 93 -25.41 14.35 -2.44
N ARG A 94 -24.11 14.09 -2.32
CA ARG A 94 -23.41 13.12 -3.18
C ARG A 94 -23.22 11.79 -2.44
N PHE A 95 -23.59 10.70 -3.12
CA PHE A 95 -23.51 9.34 -2.58
C PHE A 95 -22.68 8.38 -3.44
N GLY A 96 -21.63 7.81 -2.84
CA GLY A 96 -20.78 6.90 -3.60
C GLY A 96 -20.40 5.58 -2.94
N ALA A 97 -19.97 4.63 -3.77
CA ALA A 97 -19.56 3.33 -3.29
C ALA A 97 -18.68 2.65 -4.33
N GLY A 98 -17.50 2.18 -3.93
CA GLY A 98 -16.63 1.51 -4.88
C GLY A 98 -15.74 0.42 -4.33
N LEU A 99 -15.18 -0.39 -5.22
CA LEU A 99 -14.26 -1.47 -4.86
C LEU A 99 -12.92 -0.94 -5.33
N PHE A 100 -11.86 -1.16 -4.58
CA PHE A 100 -10.55 -0.65 -4.97
C PHE A 100 -9.43 -1.62 -4.63
N VAL A 101 -9.11 -2.49 -5.57
CA VAL A 101 -8.04 -3.47 -5.39
C VAL A 101 -6.69 -2.85 -5.70
N SER A 102 -5.63 -3.35 -5.06
CA SER A 102 -4.29 -2.81 -5.29
C SER A 102 -3.17 -3.62 -4.65
N SER A 103 -2.02 -3.60 -5.30
CA SER A 103 -0.84 -4.28 -4.81
C SER A 103 0.01 -3.17 -4.22
N GLY A 104 1.26 -3.49 -3.90
CA GLY A 104 2.14 -2.50 -3.33
C GLY A 104 3.35 -3.27 -2.85
N LEU A 105 3.07 -4.44 -2.30
CA LEU A 105 4.11 -5.33 -1.82
C LEU A 105 4.23 -6.37 -2.91
N GLY A 106 5.39 -6.40 -3.56
CA GLY A 106 5.60 -7.35 -4.63
C GLY A 106 7.07 -7.59 -4.89
N THR A 107 7.50 -8.83 -4.66
CA THR A 107 8.88 -9.22 -4.88
C THR A 107 8.85 -10.67 -5.35
N GLU A 108 9.83 -11.04 -6.17
CA GLU A 108 9.95 -12.40 -6.67
C GLU A 108 11.39 -12.74 -7.04
N TYR A 109 12.23 -12.89 -6.01
CA TYR A 109 13.65 -13.21 -6.16
C TYR A 109 13.81 -14.61 -6.70
N GLY A 110 12.83 -15.47 -6.42
CA GLY A 110 12.93 -16.84 -6.88
C GLY A 110 14.06 -17.61 -6.23
N SER A 111 14.05 -18.93 -6.39
CA SER A 111 15.06 -19.81 -5.79
C SER A 111 16.35 -20.02 -6.60
N LYS A 112 17.36 -19.20 -6.32
CA LYS A 112 18.64 -19.30 -7.01
C LYS A 112 19.66 -18.40 -6.32
N SER A 113 19.21 -17.24 -5.84
CA SER A 113 20.11 -16.30 -5.17
C SER A 113 20.45 -16.65 -3.72
N PHE A 114 21.45 -15.97 -3.18
CA PHE A 114 21.86 -16.23 -1.80
C PHE A 114 20.70 -16.20 -0.80
N LEU A 115 19.62 -15.51 -1.14
CA LEU A 115 18.46 -15.46 -0.25
C LEU A 115 17.93 -16.89 -0.12
N SER A 116 18.39 -17.75 -1.02
CA SER A 116 18.01 -19.15 -1.04
C SER A 116 19.19 -20.01 -0.60
N GLN A 117 20.31 -19.34 -0.31
CA GLN A 117 21.52 -20.01 0.16
C GLN A 117 21.39 -20.28 1.66
N THR A 118 21.24 -21.54 2.04
CA THR A 118 21.16 -21.91 3.44
C THR A 118 22.50 -21.52 4.02
N GLU A 119 22.64 -21.52 5.33
CA GLU A 119 23.94 -21.21 5.90
C GLU A 119 24.90 -22.19 5.21
N ASN A 120 26.19 -21.87 5.19
CA ASN A 120 27.17 -22.71 4.52
C ASN A 120 26.96 -22.57 3.03
N GLY A 121 26.44 -21.42 2.61
CA GLY A 121 26.19 -21.14 1.21
C GLY A 121 25.67 -22.31 0.37
N ILE A 122 24.74 -23.08 0.94
CA ILE A 122 24.17 -24.21 0.23
C ILE A 122 22.86 -23.82 -0.47
N GLN A 123 22.80 -24.08 -1.76
CA GLN A 123 21.63 -23.74 -2.56
C GLN A 123 20.40 -24.60 -2.32
N THR A 124 19.40 -24.04 -1.64
CA THR A 124 18.17 -24.78 -1.42
C THR A 124 17.37 -24.41 -2.64
N SER A 125 16.28 -25.12 -2.88
CA SER A 125 15.45 -24.82 -4.03
C SER A 125 14.20 -24.09 -3.56
N PHE A 126 14.34 -23.29 -2.51
CA PHE A 126 13.21 -22.56 -1.97
C PHE A 126 13.03 -21.15 -2.54
N ASP A 127 11.77 -20.82 -2.81
CA ASP A 127 11.42 -19.54 -3.40
C ASP A 127 11.39 -18.39 -2.40
N ASN A 128 11.76 -17.21 -2.89
CA ASN A 128 11.73 -16.00 -2.07
C ASN A 128 10.83 -15.02 -2.79
N SER A 129 9.60 -14.84 -2.30
CA SER A 129 8.65 -13.93 -2.93
C SER A 129 7.61 -13.37 -1.95
N SER A 130 6.94 -12.30 -2.35
CA SER A 130 5.92 -11.69 -1.50
C SER A 130 4.89 -10.94 -2.34
N ARG A 131 3.71 -10.75 -1.79
CA ARG A 131 2.63 -10.05 -2.47
C ARG A 131 1.51 -9.78 -1.48
N LEU A 132 1.30 -8.51 -1.18
CA LEU A 132 0.25 -8.11 -0.25
C LEU A 132 -0.81 -7.45 -1.11
N ILE A 133 -2.04 -7.92 -1.04
CA ILE A 133 -3.09 -7.32 -1.83
C ILE A 133 -4.14 -6.76 -0.90
N VAL A 134 -4.58 -5.53 -1.16
CA VAL A 134 -5.61 -4.96 -0.30
C VAL A 134 -6.76 -4.46 -1.16
N LEU A 135 -7.97 -4.84 -0.80
CA LEU A 135 -9.13 -4.39 -1.53
C LEU A 135 -9.97 -3.52 -0.63
N ARG A 136 -9.86 -2.19 -0.76
CA ARG A 136 -10.70 -1.32 0.05
C ARG A 136 -12.04 -1.29 -0.65
N ALA A 137 -13.09 -0.99 0.11
CA ALA A 137 -14.43 -0.91 -0.45
C ALA A 137 -15.16 0.06 0.47
N PRO A 138 -15.27 1.32 0.03
CA PRO A 138 -15.95 2.36 0.79
C PRO A 138 -17.40 2.54 0.47
N ILE A 139 -18.05 3.32 1.30
CA ILE A 139 -19.44 3.70 1.18
C ILE A 139 -19.46 4.94 2.03
N GLY A 140 -19.66 6.10 1.38
CA GLY A 140 -19.67 7.37 2.10
C GLY A 140 -20.53 8.43 1.42
N PHE A 141 -20.04 9.67 1.40
CA PHE A 141 -20.80 10.75 0.80
C PHE A 141 -20.09 12.09 0.96
N SER A 142 -20.65 13.10 0.29
CA SER A 142 -20.13 14.46 0.34
C SER A 142 -21.36 15.33 0.42
N TYR A 143 -21.26 16.49 1.07
CA TYR A 143 -22.42 17.38 1.21
C TYR A 143 -22.09 18.88 1.09
N GLN A 144 -22.90 19.59 0.29
CA GLN A 144 -22.71 21.02 0.11
C GLN A 144 -23.57 21.81 1.09
N ALA A 145 -22.88 22.42 2.06
CA ALA A 145 -23.53 23.23 3.04
C ALA A 145 -23.56 24.80 2.79
N THR A 146 -22.55 25.40 2.14
CA THR A 146 -22.65 26.81 2.00
C THR A 146 -21.71 27.29 0.89
N SER A 147 -21.70 26.55 -0.20
CA SER A 147 -20.88 26.86 -1.37
C SER A 147 -19.46 27.30 -0.98
N LYS A 148 -19.04 26.78 0.16
CA LYS A 148 -17.76 27.05 0.76
C LYS A 148 -17.43 25.86 1.66
N LEU A 149 -18.41 25.40 2.43
CA LEU A 149 -18.18 24.25 3.29
C LEU A 149 -18.73 22.96 2.65
N THR A 150 -17.87 21.96 2.52
CA THR A 150 -18.29 20.67 1.99
C THR A 150 -17.81 19.68 3.04
N PHE A 151 -18.74 18.90 3.56
CA PHE A 151 -18.40 17.90 4.54
C PHE A 151 -18.52 16.59 3.79
N GLY A 152 -17.86 15.57 4.30
CA GLY A 152 -17.93 14.27 3.66
C GLY A 152 -17.18 13.23 4.46
N ALA A 153 -17.66 12.00 4.39
CA ALA A 153 -17.04 10.89 5.09
C ALA A 153 -17.43 9.58 4.44
N SER A 154 -16.69 8.54 4.81
CA SER A 154 -16.95 7.22 4.27
C SER A 154 -16.41 6.13 5.21
N VAL A 155 -17.11 5.00 5.21
CA VAL A 155 -16.75 3.86 6.01
C VAL A 155 -16.55 2.70 5.04
N ASP A 156 -15.35 2.11 5.08
CA ASP A 156 -15.02 1.03 4.16
C ASP A 156 -14.69 -0.32 4.78
N LEU A 157 -14.97 -1.36 4.01
CA LEU A 157 -14.69 -2.72 4.40
C LEU A 157 -13.37 -3.03 3.73
N VAL A 158 -12.34 -3.30 4.52
CA VAL A 158 -11.02 -3.62 3.98
C VAL A 158 -10.82 -5.13 3.97
N TRP A 159 -10.10 -5.62 2.97
CA TRP A 159 -9.86 -7.06 2.85
C TRP A 159 -8.41 -7.22 2.41
N THR A 160 -7.54 -7.50 3.37
CA THR A 160 -6.12 -7.70 3.12
C THR A 160 -5.81 -9.18 2.92
N SER A 161 -4.91 -9.46 2.00
CA SER A 161 -4.53 -10.83 1.73
C SER A 161 -3.03 -10.78 1.53
N LEU A 162 -2.35 -11.87 1.89
CA LEU A 162 -0.92 -11.90 1.77
C LEU A 162 -0.39 -13.27 1.50
N ASN A 163 0.75 -13.33 0.82
CA ASN A 163 1.40 -14.60 0.58
C ASN A 163 2.88 -14.33 0.55
N LEU A 164 3.60 -15.05 1.41
CA LEU A 164 5.04 -14.92 1.54
C LEU A 164 5.75 -16.20 1.12
N GLU A 165 7.05 -16.06 0.89
CA GLU A 165 7.96 -17.12 0.50
C GLU A 165 9.23 -16.54 1.02
N LEU A 166 9.40 -16.60 2.34
CA LEU A 166 10.56 -16.05 3.00
C LEU A 166 11.46 -17.17 3.50
N LEU A 167 12.78 -16.98 3.41
CA LEU A 167 13.72 -17.96 3.93
C LEU A 167 14.63 -17.28 4.95
N LEU A 168 14.76 -17.88 6.13
CA LEU A 168 15.61 -17.33 7.18
C LEU A 168 16.75 -18.27 7.51
N PRO A 169 18.00 -17.78 7.39
CA PRO A 169 19.20 -18.56 7.68
C PRO A 169 19.31 -18.86 9.19
N SER A 170 20.16 -19.81 9.55
CA SER A 170 20.31 -20.15 10.96
C SER A 170 20.50 -18.85 11.72
N SER A 171 21.56 -18.14 11.34
CA SER A 171 21.97 -16.86 11.91
C SER A 171 20.82 -16.03 12.44
N GLN A 172 20.05 -15.44 11.55
CA GLN A 172 18.95 -14.61 11.99
C GLN A 172 17.84 -15.29 12.74
N VAL A 173 17.72 -16.61 12.61
CA VAL A 173 16.70 -17.28 13.39
C VAL A 173 17.21 -17.17 14.84
N GLY A 174 18.52 -17.36 15.01
CA GLY A 174 19.13 -17.26 16.32
C GLY A 174 18.94 -15.86 16.82
N ALA A 175 19.28 -14.91 15.95
CA ALA A 175 19.15 -13.48 16.23
C ALA A 175 17.75 -13.14 16.73
N LEU A 176 16.76 -13.82 16.18
CA LEU A 176 15.38 -13.61 16.58
C LEU A 176 15.16 -14.15 17.97
N THR A 177 15.91 -15.21 18.29
CA THR A 177 15.82 -15.81 19.61
C THR A 177 16.45 -14.86 20.62
N ALA A 178 17.71 -14.51 20.39
CA ALA A 178 18.42 -13.61 21.27
C ALA A 178 17.55 -12.42 21.62
N GLN A 179 17.07 -11.71 20.60
CA GLN A 179 16.25 -10.52 20.82
C GLN A 179 15.03 -10.74 21.69
N GLY A 180 14.71 -12.00 21.97
CA GLY A 180 13.51 -12.24 22.76
C GLY A 180 12.29 -12.03 21.89
N ASN A 181 12.46 -12.30 20.60
CA ASN A 181 11.41 -12.18 19.61
C ASN A 181 10.81 -13.54 19.31
N LEU A 182 11.69 -14.51 19.09
CA LEU A 182 11.31 -15.88 18.72
C LEU A 182 11.10 -16.89 19.84
N SER A 183 9.84 -17.25 20.10
CA SER A 183 9.50 -18.26 21.11
C SER A 183 8.93 -19.48 20.34
N GLY A 184 8.49 -20.52 21.05
CA GLY A 184 7.94 -21.65 20.32
C GLY A 184 7.71 -23.07 20.85
N GLY A 185 8.79 -23.85 20.93
CA GLY A 185 8.61 -25.23 21.37
C GLY A 185 9.07 -26.06 20.21
N LEU A 186 8.77 -25.56 19.02
CA LEU A 186 9.23 -26.22 17.82
C LEU A 186 10.69 -25.81 17.67
N VAL A 187 11.03 -24.67 18.27
CA VAL A 187 12.37 -24.13 18.22
C VAL A 187 13.38 -25.09 18.81
N PRO A 188 13.26 -25.39 20.12
CA PRO A 188 14.19 -26.31 20.77
C PRO A 188 14.51 -27.45 19.84
N SER A 189 13.48 -28.26 19.62
CA SER A 189 13.51 -29.47 18.78
C SER A 189 14.01 -29.28 17.34
N LEU A 190 13.60 -28.22 16.67
CA LEU A 190 14.05 -28.01 15.30
C LEU A 190 15.49 -27.54 15.30
N ALA A 191 15.91 -26.97 16.43
CA ALA A 191 17.29 -26.51 16.58
C ALA A 191 17.98 -27.86 16.58
N GLY A 192 19.15 -27.97 15.97
CA GLY A 192 19.76 -29.28 15.93
C GLY A 192 18.97 -30.06 14.89
N PHE A 193 19.26 -29.69 13.66
CA PHE A 193 18.70 -30.24 12.44
C PHE A 193 18.82 -29.07 11.50
N VAL A 194 18.75 -27.87 12.07
CA VAL A 194 18.91 -26.65 11.30
C VAL A 194 20.36 -26.28 11.61
N GLY A 195 20.70 -26.26 12.90
CA GLY A 195 22.06 -25.95 13.30
C GLY A 195 22.72 -24.79 12.62
N THR A 196 23.87 -24.37 13.14
CA THR A 196 24.62 -23.23 12.60
C THR A 196 24.95 -23.34 11.13
N GLY A 197 24.13 -24.07 10.38
CA GLY A 197 24.38 -24.21 8.96
C GLY A 197 23.06 -24.42 8.25
N GLY A 198 21.97 -24.23 8.97
CA GLY A 198 20.65 -24.42 8.39
C GLY A 198 19.96 -23.18 7.85
N ALA A 199 18.63 -23.19 7.98
CA ALA A 199 17.79 -22.12 7.52
C ALA A 199 16.37 -22.62 7.61
N ALA A 200 15.46 -21.76 8.02
CA ALA A 200 14.07 -22.14 8.10
C ALA A 200 13.44 -21.39 6.95
N HIS A 201 12.25 -21.84 6.51
CA HIS A 201 11.55 -21.20 5.41
C HIS A 201 10.04 -21.25 5.60
N PHE A 202 9.42 -20.08 5.45
CA PHE A 202 7.97 -19.94 5.56
C PHE A 202 7.36 -19.84 4.17
N SER A 203 6.18 -20.45 4.02
CA SER A 203 5.50 -20.40 2.74
C SER A 203 3.99 -20.35 2.96
N LEU A 204 3.39 -19.27 2.45
CA LEU A 204 1.96 -19.05 2.54
C LEU A 204 1.48 -19.03 1.11
N SER A 205 0.43 -19.79 0.82
CA SER A 205 -0.10 -19.83 -0.54
C SER A 205 -1.61 -20.08 -0.56
N ALA A 210 -10.22 -21.01 -0.16
CA ALA A 210 -10.35 -22.25 0.59
C ALA A 210 -9.02 -22.64 1.21
N GLY A 211 -7.92 -22.21 0.58
CA GLY A 211 -6.61 -22.50 1.10
C GLY A 211 -6.15 -21.42 2.06
N GLY A 212 -7.09 -20.87 2.82
CA GLY A 212 -6.78 -19.81 3.78
C GLY A 212 -6.28 -18.57 3.08
N ALA A 213 -5.27 -18.73 2.24
CA ALA A 213 -4.67 -17.64 1.49
C ALA A 213 -3.96 -16.67 2.42
N VAL A 214 -4.27 -16.77 3.71
CA VAL A 214 -3.68 -15.89 4.72
C VAL A 214 -4.17 -14.49 4.43
N ASP A 215 -5.44 -14.25 4.74
CA ASP A 215 -6.05 -12.97 4.50
C ASP A 215 -6.78 -12.51 5.74
N ALA A 216 -7.22 -11.25 5.73
CA ALA A 216 -7.93 -10.65 6.85
C ALA A 216 -9.08 -9.75 6.39
N VAL A 217 -9.90 -9.32 7.33
CA VAL A 217 -11.03 -8.49 6.96
C VAL A 217 -11.37 -7.45 8.02
N GLY A 218 -10.82 -6.24 7.88
CA GLY A 218 -11.09 -5.19 8.85
C GLY A 218 -12.02 -4.09 8.38
N TRP A 219 -11.92 -2.92 9.02
CA TRP A 219 -12.73 -1.77 8.67
C TRP A 219 -11.86 -0.51 8.62
N GLY A 220 -12.31 0.48 7.85
CA GLY A 220 -11.57 1.73 7.72
C GLY A 220 -12.49 2.92 7.86
N GLY A 221 -11.95 4.04 8.30
CA GLY A 221 -12.77 5.23 8.49
C GLY A 221 -12.18 6.43 7.80
N ARG A 222 -13.02 7.44 7.51
CA ARG A 222 -12.53 8.60 6.76
C ARG A 222 -13.50 9.79 6.74
N LEU A 223 -13.08 10.93 7.27
CA LEU A 223 -13.98 12.08 7.20
C LEU A 223 -13.20 13.39 6.91
N GLY A 224 -13.70 14.19 5.96
CA GLY A 224 -13.02 15.43 5.59
C GLY A 224 -13.89 16.61 5.18
N LEU A 225 -13.31 17.82 5.24
CA LEU A 225 -14.03 19.06 4.91
C LEU A 225 -13.30 19.95 3.91
N THR A 226 -14.04 20.89 3.32
CA THR A 226 -13.49 21.81 2.34
C THR A 226 -14.03 23.22 2.59
N TYR A 227 -13.21 24.23 2.31
CA TYR A 227 -13.62 25.63 2.51
C TYR A 227 -13.13 26.59 1.44
N LYS A 228 -14.05 27.04 0.57
CA LYS A 228 -13.70 27.99 -0.48
C LYS A 228 -13.25 29.30 0.17
N LEU A 229 -11.96 29.39 0.47
CA LEU A 229 -11.41 30.59 1.10
C LEU A 229 -11.53 31.79 0.15
N THR A 230 -11.25 31.53 -1.12
CA THR A 230 -11.30 32.54 -2.18
C THR A 230 -12.03 31.88 -3.34
N ASP A 231 -11.98 32.50 -4.52
CA ASP A 231 -12.64 31.93 -5.69
C ASP A 231 -11.51 31.41 -6.58
N ASN A 232 -10.35 31.24 -5.96
CA ASN A 232 -9.15 30.73 -6.63
C ASN A 232 -8.24 30.09 -5.56
N THR A 233 -8.84 29.79 -4.42
CA THR A 233 -8.14 29.16 -3.30
C THR A 233 -9.13 28.31 -2.50
N VAL A 234 -8.78 27.04 -2.27
CA VAL A 234 -9.62 26.14 -1.50
C VAL A 234 -8.77 25.56 -0.40
N LEU A 235 -9.35 25.33 0.77
CA LEU A 235 -8.63 24.73 1.88
C LEU A 235 -9.23 23.37 2.22
N GLY A 236 -8.39 22.37 2.42
CA GLY A 236 -8.91 21.04 2.69
C GLY A 236 -8.29 20.26 3.83
N ALA A 237 -9.01 19.24 4.27
CA ALA A 237 -8.55 18.39 5.33
C ALA A 237 -9.47 17.19 5.48
N MET A 238 -8.86 16.07 5.81
CA MET A 238 -9.57 14.83 6.01
C MET A 238 -8.78 14.01 7.02
N TYR A 239 -9.48 13.43 7.99
CA TYR A 239 -8.83 12.59 8.98
C TYR A 239 -9.09 11.16 8.56
N ASN A 240 -8.06 10.35 8.70
CA ASN A 240 -8.12 8.92 8.33
C ASN A 240 -7.94 8.01 9.55
N PHE A 241 -9.05 7.47 10.07
CA PHE A 241 -8.97 6.59 11.20
C PHE A 241 -8.08 5.39 10.86
N LYS A 242 -7.33 4.89 11.82
CA LYS A 242 -6.46 3.73 11.61
C LYS A 242 -7.40 2.61 11.23
N THR A 243 -7.06 1.86 10.19
CA THR A 243 -7.93 0.77 9.77
C THR A 243 -7.86 -0.37 10.79
N SER A 244 -9.01 -0.98 11.03
CA SER A 244 -9.12 -2.07 11.98
C SER A 244 -9.06 -3.43 11.30
N VAL A 245 -7.95 -3.71 10.60
CA VAL A 245 -7.80 -5.00 9.92
C VAL A 245 -8.02 -6.10 10.93
N GLY A 246 -8.26 -7.31 10.45
CA GLY A 246 -8.45 -8.42 11.35
C GLY A 246 -7.13 -9.17 11.41
N ASP A 247 -7.18 -10.46 11.73
CA ASP A 247 -5.98 -11.26 11.79
C ASP A 247 -5.76 -12.01 10.49
N LEU A 248 -4.54 -11.98 9.95
CA LEU A 248 -4.28 -12.73 8.73
C LEU A 248 -4.23 -14.21 9.09
N GLU A 249 -5.20 -15.01 8.61
CA GLU A 249 -5.21 -16.44 8.92
C GLU A 249 -5.18 -17.30 7.66
N GLY A 250 -4.60 -18.50 7.76
CA GLY A 250 -4.52 -19.37 6.62
C GLY A 250 -3.37 -20.36 6.63
N LYS A 251 -3.59 -21.51 6.01
CA LYS A 251 -2.59 -22.55 5.92
C LYS A 251 -1.23 -21.95 5.57
N ALA A 252 -0.16 -22.60 6.01
CA ALA A 252 1.22 -22.18 5.70
C ALA A 252 2.13 -23.39 5.86
N THR A 253 3.40 -23.26 5.46
CA THR A 253 4.32 -24.40 5.56
C THR A 253 5.75 -24.09 6.00
N LEU A 254 6.03 -24.42 7.27
CA LEU A 254 7.36 -24.21 7.85
C LEU A 254 8.24 -25.33 7.37
N SER A 255 9.45 -25.01 6.97
CA SER A 255 10.34 -26.04 6.48
C SER A 255 11.72 -25.91 7.08
N ALA A 256 11.96 -26.73 8.11
CA ALA A 256 13.26 -26.76 8.75
C ALA A 256 14.17 -27.38 7.71
N ILE A 257 15.24 -26.66 7.38
CA ILE A 257 16.19 -27.15 6.40
C ILE A 257 17.53 -27.35 7.10
N SER A 258 17.98 -28.59 7.14
CA SER A 258 19.25 -28.94 7.80
C SER A 258 20.48 -28.20 7.29
N GLY A 259 21.56 -28.34 8.05
CA GLY A 259 22.82 -27.69 7.70
C GLY A 259 23.46 -28.25 6.44
N ASP A 260 22.72 -29.12 5.74
CA ASP A 260 23.25 -29.70 4.51
C ASP A 260 22.17 -29.83 3.42
N GLY A 261 20.98 -29.33 3.70
CA GLY A 261 19.92 -29.36 2.70
C GLY A 261 18.79 -30.32 2.95
N ALA A 262 18.86 -31.08 4.03
CA ALA A 262 17.78 -32.02 4.35
C ALA A 262 16.54 -31.26 4.79
N VAL A 263 15.45 -31.39 4.04
CA VAL A 263 14.26 -30.65 4.37
C VAL A 263 13.19 -31.32 5.22
N LEU A 264 12.79 -30.67 6.31
CA LEU A 264 11.72 -31.21 7.14
C LEU A 264 10.56 -30.22 6.99
N PRO A 265 9.49 -30.62 6.29
CA PRO A 265 8.34 -29.73 6.10
C PRO A 265 7.16 -29.93 7.03
N LEU A 266 6.84 -28.94 7.83
CA LEU A 266 5.69 -29.02 8.72
C LEU A 266 4.59 -28.17 8.11
N ASP A 267 3.36 -28.66 8.13
CA ASP A 267 2.22 -27.92 7.58
C ASP A 267 1.30 -27.53 8.70
N GLY A 268 0.97 -26.25 8.77
CA GLY A 268 0.08 -25.76 9.81
C GLY A 268 -0.68 -24.53 9.40
N ASP A 269 -0.92 -23.64 10.34
CA ASP A 269 -1.67 -22.43 10.02
C ASP A 269 -1.12 -21.17 10.70
N ILE A 270 -0.79 -20.14 9.92
CA ILE A 270 -0.28 -18.90 10.50
C ILE A 270 -1.41 -17.97 10.88
N ARG A 271 -1.08 -17.02 11.73
CA ARG A 271 -2.01 -16.03 12.19
C ARG A 271 -1.13 -14.84 12.44
N VAL A 272 -1.29 -13.82 11.61
CA VAL A 272 -0.50 -12.59 11.77
C VAL A 272 -1.39 -11.65 12.55
N LYS A 273 -0.88 -11.12 13.66
CA LYS A 273 -1.67 -10.22 14.48
C LYS A 273 -1.09 -8.82 14.51
N ASN A 274 -1.99 -7.84 14.51
CA ASN A 274 -1.61 -6.43 14.51
C ASN A 274 -0.82 -5.97 13.28
N PHE A 275 -1.45 -6.11 12.12
CA PHE A 275 -0.86 -5.64 10.88
C PHE A 275 -1.50 -4.25 10.91
N GLU A 276 -0.70 -3.25 11.26
CA GLU A 276 -1.20 -1.89 11.39
C GLU A 276 -1.11 -0.99 10.17
N MET A 277 -2.20 -0.28 9.92
CA MET A 277 -2.29 0.71 8.84
C MET A 277 -2.80 1.92 9.66
N PRO A 278 -1.86 2.67 10.27
CA PRO A 278 -2.06 3.86 11.12
C PRO A 278 -3.00 4.93 10.60
N ALA A 279 -3.30 5.89 11.46
CA ALA A 279 -4.18 7.00 11.09
C ALA A 279 -3.35 8.11 10.47
N SER A 280 -4.04 9.05 9.83
CA SER A 280 -3.36 10.17 9.17
C SER A 280 -4.25 11.39 9.01
N LEU A 281 -3.66 12.56 9.22
CA LEU A 281 -4.36 13.82 9.07
C LEU A 281 -3.66 14.61 8.00
N THR A 282 -4.33 14.86 6.87
CA THR A 282 -3.67 15.64 5.83
C THR A 282 -4.35 16.99 5.65
N LEU A 283 -3.53 18.01 5.40
CA LEU A 283 -4.04 19.36 5.22
C LEU A 283 -3.50 19.92 3.92
N GLY A 284 -4.37 20.50 3.10
CA GLY A 284 -3.92 21.08 1.84
C GLY A 284 -4.77 22.20 1.25
N LEU A 285 -4.28 22.73 0.14
CA LEU A 285 -4.98 23.79 -0.57
C LEU A 285 -4.85 23.51 -2.04
N ALA A 286 -5.47 24.35 -2.85
CA ALA A 286 -5.42 24.22 -4.30
C ALA A 286 -5.75 25.58 -4.89
N HIS A 287 -4.74 26.22 -5.47
CA HIS A 287 -4.92 27.54 -6.06
C HIS A 287 -4.98 27.52 -7.58
N GLN A 288 -5.74 28.45 -8.11
CA GLN A 288 -5.91 28.59 -9.55
C GLN A 288 -5.89 30.07 -9.85
N PHE A 289 -4.70 30.57 -10.15
CA PHE A 289 -4.47 31.97 -10.47
C PHE A 289 -4.48 32.16 -11.98
N ASN A 290 -5.30 31.36 -12.65
CA ASN A 290 -5.39 31.41 -14.10
C ASN A 290 -6.38 30.35 -14.54
N GLU A 291 -7.44 30.76 -15.23
CA GLU A 291 -8.46 29.82 -15.69
C GLU A 291 -7.98 28.86 -16.77
N ARG A 292 -6.89 28.15 -16.44
CA ARG A 292 -6.27 27.16 -17.32
C ARG A 292 -5.38 26.28 -16.43
N TRP A 293 -4.34 26.91 -15.90
CA TRP A 293 -3.32 26.30 -15.03
C TRP A 293 -3.74 26.10 -13.57
N VAL A 294 -3.58 24.87 -13.08
CA VAL A 294 -3.95 24.52 -11.70
C VAL A 294 -2.76 24.01 -10.87
N VAL A 295 -2.83 24.20 -9.56
CA VAL A 295 -1.78 23.77 -8.65
C VAL A 295 -2.39 23.22 -7.35
N ALA A 296 -1.75 22.19 -6.78
CA ALA A 296 -2.22 21.59 -5.54
C ALA A 296 -1.07 21.40 -4.56
N ALA A 297 -1.40 21.23 -3.29
CA ALA A 297 -0.36 21.03 -2.28
C ALA A 297 -0.93 20.59 -0.92
N ASP A 298 -0.53 19.39 -0.48
CA ASP A 298 -0.99 18.85 0.79
C ASP A 298 0.17 18.38 1.64
N ILE A 299 -0.03 18.39 2.96
CA ILE A 299 0.96 17.88 3.89
C ILE A 299 0.23 16.75 4.60
N LYS A 300 0.81 15.55 4.56
CA LYS A 300 0.18 14.40 5.20
C LYS A 300 0.95 13.99 6.43
N ARG A 301 0.24 13.36 7.35
CA ARG A 301 0.84 12.87 8.59
C ARG A 301 0.27 11.49 8.90
N ALA A 302 1.10 10.45 8.71
CA ALA A 302 0.69 9.07 8.99
C ALA A 302 1.13 8.82 10.41
N TYR A 303 0.17 8.74 11.32
CA TYR A 303 0.49 8.53 12.73
C TYR A 303 0.91 7.10 13.10
N TRP A 304 2.19 6.81 12.85
CA TRP A 304 2.78 5.52 13.12
C TRP A 304 3.22 5.38 14.58
N GLY A 305 3.77 6.46 15.13
CA GLY A 305 4.21 6.44 16.50
C GLY A 305 3.08 6.12 17.46
N ASP A 306 1.86 6.17 16.93
CA ASP A 306 0.66 5.89 17.70
C ASP A 306 0.35 4.39 17.70
N VAL A 307 1.34 3.61 17.28
CA VAL A 307 1.25 2.14 17.23
C VAL A 307 2.29 1.54 18.22
N MET A 308 1.81 1.12 19.40
CA MET A 308 2.69 0.62 20.47
C MET A 308 2.73 -0.90 20.74
N ASP A 309 1.75 -1.64 20.22
CA ASP A 309 1.66 -3.09 20.41
C ASP A 309 2.67 -3.84 19.57
N SER A 310 2.51 -5.16 19.46
CA SER A 310 3.45 -5.95 18.68
C SER A 310 2.77 -6.77 17.58
N MET A 311 3.38 -6.80 16.40
CA MET A 311 2.84 -7.62 15.32
C MET A 311 3.28 -9.03 15.71
N ASN A 312 2.33 -9.94 15.81
CA ASN A 312 2.65 -11.29 16.23
C ASN A 312 2.37 -12.34 15.15
N VAL A 313 3.41 -13.08 14.77
CA VAL A 313 3.29 -14.13 13.75
C VAL A 313 3.34 -15.54 14.38
N ALA A 314 2.17 -16.07 14.72
CA ALA A 314 2.10 -17.39 15.29
C ALA A 314 1.91 -18.42 14.21
N PHE A 315 2.59 -19.55 14.36
CA PHE A 315 2.51 -20.67 13.44
C PHE A 315 2.18 -21.91 14.24
N ILE A 316 1.17 -22.65 13.80
CA ILE A 316 0.77 -23.82 14.52
C ILE A 316 0.68 -25.07 13.69
N SER A 317 1.34 -26.12 14.17
CA SER A 317 1.35 -27.42 13.51
C SER A 317 0.98 -28.44 14.57
N GLN A 318 1.04 -29.72 14.20
CA GLN A 318 0.72 -30.81 15.11
C GLN A 318 1.91 -30.95 16.04
N LEU A 319 3.08 -31.18 15.45
CA LEU A 319 4.30 -31.34 16.23
C LEU A 319 4.53 -30.20 17.19
N GLY A 320 3.89 -29.07 16.95
CA GLY A 320 4.10 -27.97 17.86
C GLY A 320 4.07 -26.64 17.14
N GLY A 321 4.58 -25.61 17.80
CA GLY A 321 4.56 -24.30 17.20
C GLY A 321 5.82 -23.48 17.17
N ILE A 322 5.63 -22.25 16.71
CA ILE A 322 6.66 -21.26 16.55
C ILE A 322 5.95 -19.94 16.50
N ASP A 323 6.58 -18.95 17.11
CA ASP A 323 6.00 -17.64 17.15
C ASP A 323 7.07 -16.57 17.15
N VAL A 324 6.78 -15.49 16.44
CA VAL A 324 7.68 -14.38 16.32
C VAL A 324 6.93 -13.15 16.72
N ALA A 325 7.51 -12.40 17.65
CA ALA A 325 6.91 -11.18 18.12
C ALA A 325 7.76 -10.06 17.54
N LEU A 326 7.08 -9.01 17.10
CA LEU A 326 7.72 -7.85 16.52
C LEU A 326 6.98 -6.64 17.05
N PRO A 327 7.66 -5.84 17.91
CA PRO A 327 7.05 -4.65 18.48
C PRO A 327 7.12 -3.59 17.39
N HIS A 328 6.26 -2.58 17.43
CA HIS A 328 6.28 -1.60 16.38
C HIS A 328 7.47 -0.62 16.33
N ARG A 329 7.54 0.37 17.20
CA ARG A 329 8.69 1.28 17.15
C ARG A 329 8.85 2.00 15.81
N TYR A 330 7.76 2.52 15.25
CA TYR A 330 7.84 3.27 13.99
C TYR A 330 7.42 4.71 14.29
N GLN A 331 8.31 5.67 14.04
CA GLN A 331 7.99 7.07 14.29
C GLN A 331 7.05 7.60 13.22
N ASP A 332 6.67 8.87 13.33
CA ASP A 332 5.75 9.47 12.37
C ASP A 332 6.32 9.74 11.00
N ILE A 333 5.46 9.67 10.00
CA ILE A 333 5.83 9.94 8.60
C ILE A 333 5.06 11.14 8.09
N THR A 334 5.82 12.18 7.72
CA THR A 334 5.23 13.41 7.21
C THR A 334 5.44 13.55 5.70
N VAL A 335 4.35 13.46 4.94
CA VAL A 335 4.43 13.58 3.49
C VAL A 335 4.00 14.94 2.99
N ALA A 336 4.86 15.58 2.19
CA ALA A 336 4.56 16.88 1.60
C ALA A 336 4.46 16.60 0.11
N SER A 337 3.52 17.24 -0.58
CA SER A 337 3.39 16.99 -2.01
C SER A 337 2.68 18.10 -2.80
N ILE A 338 3.28 18.50 -3.92
CA ILE A 338 2.69 19.53 -4.77
C ILE A 338 2.16 18.89 -6.02
N GLY A 339 1.18 19.55 -6.63
CA GLY A 339 0.57 19.06 -7.85
C GLY A 339 0.34 20.20 -8.83
N THR A 340 -0.09 19.88 -10.05
CA THR A 340 -0.33 20.87 -11.08
C THR A 340 -1.14 20.26 -12.20
N ALA A 341 -1.74 21.10 -13.05
CA ALA A 341 -2.55 20.62 -14.17
C ALA A 341 -2.94 21.70 -15.16
N TYR A 342 -2.33 21.67 -16.36
CA TYR A 342 -2.65 22.63 -17.43
C TYR A 342 -3.66 21.98 -18.38
N LYS A 343 -4.40 22.81 -19.10
CA LYS A 343 -5.39 22.34 -20.06
C LYS A 343 -4.96 22.66 -21.48
N TYR A 344 -4.36 21.69 -22.17
CA TYR A 344 -3.90 21.91 -23.54
C TYR A 344 -5.02 22.59 -24.30
N ASN A 345 -6.25 22.22 -23.94
CA ASN A 345 -7.46 22.78 -24.55
C ASN A 345 -8.64 22.03 -23.95
N ASN A 346 -9.84 22.30 -24.47
CA ASN A 346 -11.03 21.62 -23.97
C ASN A 346 -10.95 20.10 -24.14
N ASP A 347 -9.78 19.62 -24.51
CA ASP A 347 -9.56 18.19 -24.70
C ASP A 347 -8.53 17.70 -23.68
N LEU A 348 -7.25 17.90 -24.01
CA LEU A 348 -6.18 17.48 -23.12
C LEU A 348 -6.01 18.32 -21.87
N THR A 349 -5.52 17.65 -20.83
CA THR A 349 -5.25 18.25 -19.53
C THR A 349 -3.99 17.51 -19.10
N LEU A 350 -2.90 18.23 -18.94
CA LEU A 350 -1.66 17.56 -18.56
C LEU A 350 -1.22 17.94 -17.16
N ARG A 351 -1.03 16.95 -16.31
CA ARG A 351 -0.61 17.21 -14.94
C ARG A 351 0.72 16.56 -14.59
N ALA A 352 1.34 17.08 -13.52
CA ALA A 352 2.62 16.57 -13.05
C ALA A 352 2.97 17.09 -11.66
N GLY A 353 3.12 16.16 -10.71
CA GLY A 353 3.45 16.54 -9.34
C GLY A 353 4.65 15.79 -8.80
N TYR A 354 5.00 16.07 -7.54
CA TYR A 354 6.15 15.48 -6.87
C TYR A 354 5.86 15.38 -5.37
N SER A 355 6.41 14.37 -4.70
CA SER A 355 6.16 14.24 -3.26
C SER A 355 7.31 13.65 -2.43
N TYR A 356 7.88 14.47 -1.56
CA TYR A 356 8.98 14.07 -0.70
C TYR A 356 8.45 13.59 0.64
N ALA A 357 8.77 12.34 1.01
CA ALA A 357 8.33 11.76 2.28
C ALA A 357 9.36 12.00 3.39
N GLN A 358 8.90 12.00 4.63
CA GLN A 358 9.77 12.23 5.76
C GLN A 358 9.14 11.72 7.06
N LEU A 365 16.84 -2.78 8.80
CA LEU A 365 15.90 -3.86 8.47
C LEU A 365 15.85 -4.19 6.99
N ILE A 366 17.02 -4.57 6.47
CA ILE A 366 17.12 -4.94 5.08
C ILE A 366 16.37 -6.24 5.19
N LEU A 367 15.42 -6.45 4.31
CA LEU A 367 14.64 -7.65 4.33
C LEU A 367 14.13 -7.74 2.88
N PRO A 368 14.96 -8.28 1.95
CA PRO A 368 14.65 -8.45 0.51
C PRO A 368 13.19 -8.69 0.14
N VAL A 369 12.42 -9.34 1.00
CA VAL A 369 11.03 -9.62 0.63
C VAL A 369 9.99 -8.53 0.97
N ILE A 370 10.42 -7.52 1.72
CA ILE A 370 9.53 -6.41 2.09
C ILE A 370 10.35 -5.11 2.06
N PRO A 371 10.41 -4.47 0.88
CA PRO A 371 11.14 -3.22 0.65
C PRO A 371 10.49 -2.01 1.29
N ALA A 372 11.34 -1.12 1.79
CA ALA A 372 10.91 0.10 2.48
C ALA A 372 10.22 1.09 1.55
N TYR A 373 9.26 1.85 2.08
CA TYR A 373 8.58 2.84 1.26
C TYR A 373 9.67 3.80 0.80
N LEU A 374 9.48 4.36 -0.40
CA LEU A 374 10.45 5.31 -0.91
C LEU A 374 9.99 6.70 -0.48
N LYS A 375 10.93 7.61 -0.30
CA LYS A 375 10.59 8.96 0.13
C LYS A 375 10.28 9.93 -1.02
N ARG A 376 11.14 9.93 -2.04
CA ARG A 376 10.94 10.83 -3.18
C ARG A 376 10.05 10.21 -4.25
N HIS A 377 9.36 11.08 -4.98
CA HIS A 377 8.46 10.65 -6.04
C HIS A 377 8.24 11.73 -7.09
N VAL A 378 8.22 11.29 -8.35
CA VAL A 378 7.99 12.15 -9.50
C VAL A 378 6.78 11.58 -10.19
N THR A 379 5.81 12.42 -10.50
CA THR A 379 4.60 11.93 -11.10
C THR A 379 4.14 12.71 -12.33
N PHE A 380 3.80 11.99 -13.40
CA PHE A 380 3.33 12.56 -14.67
C PHE A 380 1.93 12.01 -14.95
N GLY A 381 1.23 12.68 -15.85
CA GLY A 381 -0.12 12.26 -16.21
C GLY A 381 -0.94 13.34 -16.91
N GLY A 382 -2.01 12.91 -17.55
CA GLY A 382 -2.89 13.82 -18.26
C GLY A 382 -4.28 13.22 -18.41
N GLU A 383 -5.23 14.04 -18.86
CA GLU A 383 -6.60 13.59 -19.05
C GLU A 383 -7.11 13.91 -20.46
N TYR A 384 -7.63 12.90 -21.14
CA TYR A 384 -8.12 13.06 -22.50
C TYR A 384 -9.63 12.89 -22.59
N ASP A 385 -10.35 14.01 -22.52
CA ASP A 385 -11.80 13.97 -22.63
C ASP A 385 -12.14 13.76 -24.10
N PHE A 386 -13.32 13.22 -24.34
CA PHE A 386 -13.74 12.88 -25.70
C PHE A 386 -15.25 12.83 -25.86
N ASP A 387 -15.99 13.28 -24.86
CA ASP A 387 -17.45 13.23 -24.96
C ASP A 387 -18.08 14.34 -24.16
N LYS A 388 -17.42 14.70 -23.06
CA LYS A 388 -17.87 15.72 -22.12
C LYS A 388 -18.86 15.04 -21.19
N ASP A 389 -18.98 13.74 -21.37
CA ASP A 389 -19.82 12.90 -20.53
C ASP A 389 -19.02 11.61 -20.31
N SER A 390 -17.80 11.59 -20.85
CA SER A 390 -16.88 10.47 -20.72
C SER A 390 -15.49 11.10 -20.63
N ARG A 391 -14.57 10.41 -19.99
CA ARG A 391 -13.21 10.92 -19.83
C ARG A 391 -12.22 9.77 -19.58
N ILE A 392 -10.94 10.04 -19.82
CA ILE A 392 -9.90 9.05 -19.58
C ILE A 392 -8.73 9.72 -18.88
N ASN A 393 -8.40 9.22 -17.70
CA ASN A 393 -7.30 9.77 -16.92
C ASN A 393 -6.17 8.76 -16.96
N LEU A 394 -4.95 9.27 -17.08
CA LEU A 394 -3.78 8.40 -17.16
C LEU A 394 -2.69 8.99 -16.32
N ALA A 395 -2.18 8.20 -15.37
CA ALA A 395 -1.11 8.67 -14.50
C ALA A 395 -0.06 7.61 -14.33
N ILE A 396 1.16 8.07 -14.01
CA ILE A 396 2.29 7.19 -13.75
C ILE A 396 3.19 7.91 -12.76
N SER A 397 3.58 7.18 -11.71
CA SER A 397 4.41 7.75 -10.65
C SER A 397 5.73 7.00 -10.52
N PHE A 398 6.82 7.76 -10.43
CA PHE A 398 8.14 7.17 -10.31
C PHE A 398 8.69 7.13 -8.90
N GLY A 399 8.95 5.92 -8.38
CA GLY A 399 9.52 5.78 -7.05
C GLY A 399 11.02 5.99 -7.18
N LEU A 400 11.51 7.15 -6.75
CA LEU A 400 12.91 7.44 -6.91
C LEU A 400 13.88 6.67 -6.05
N ARG A 401 14.75 5.94 -6.73
CA ARG A 401 15.81 5.09 -6.18
C ARG A 401 16.54 5.54 -4.90
N GLU A 402 16.50 4.67 -3.89
CA GLU A 402 17.15 4.91 -2.61
C GLU A 402 18.07 3.73 -2.25
N ARG A 403 19.28 4.03 -1.80
CA ARG A 403 20.26 3.01 -1.43
C ARG A 403 20.21 2.76 0.08
N VAL A 404 19.48 1.73 0.49
CA VAL A 404 19.35 1.38 1.91
C VAL A 404 20.60 0.68 2.44
N MET A 415 25.55 -7.86 7.12
CA MET A 415 25.36 -6.77 6.17
C MET A 415 24.65 -7.23 4.90
N LEU A 416 24.03 -6.28 4.20
CA LEU A 416 23.29 -6.57 2.97
C LEU A 416 22.86 -5.27 2.30
N ARG A 417 23.64 -4.78 1.34
CA ARG A 417 23.23 -3.57 0.66
C ARG A 417 22.12 -3.96 -0.30
N GLN A 418 21.04 -3.19 -0.31
CA GLN A 418 19.93 -3.46 -1.21
C GLN A 418 19.24 -2.15 -1.54
N SER A 419 18.73 -2.04 -2.75
CA SER A 419 18.06 -0.81 -3.17
C SER A 419 16.97 -1.12 -4.18
N HIS A 420 15.98 -0.24 -4.26
CA HIS A 420 14.90 -0.43 -5.23
C HIS A 420 14.28 0.88 -5.70
N SER A 421 13.30 0.77 -6.58
CA SER A 421 12.60 1.93 -7.16
C SER A 421 11.33 1.45 -7.86
N GLN A 422 10.19 2.00 -7.48
CA GLN A 422 8.92 1.57 -8.07
C GLN A 422 8.42 2.42 -9.24
N ILE A 423 7.40 1.89 -9.91
CA ILE A 423 6.77 2.54 -11.04
C ILE A 423 5.29 2.21 -10.95
N ASN A 424 4.51 3.20 -10.55
CA ASN A 424 3.09 3.04 -10.41
C ASN A 424 2.41 3.72 -11.60
N ALA A 425 1.45 3.02 -12.19
CA ALA A 425 0.72 3.56 -13.32
C ALA A 425 -0.77 3.22 -13.18
N VAL A 426 -1.63 4.22 -13.33
CA VAL A 426 -3.07 4.00 -13.23
C VAL A 426 -3.81 4.61 -14.41
N VAL A 427 -4.98 4.04 -14.71
CA VAL A 427 -5.81 4.49 -15.83
C VAL A 427 -7.29 4.27 -15.53
N SER A 428 -8.06 5.34 -15.42
CA SER A 428 -9.48 5.21 -15.15
C SER A 428 -10.33 5.92 -16.19
N TYR A 429 -11.46 5.31 -16.53
CA TYR A 429 -12.38 5.86 -17.51
C TYR A 429 -13.72 6.19 -16.86
N SER A 430 -13.90 7.46 -16.53
CA SER A 430 -15.13 7.92 -15.89
C SER A 430 -16.24 8.26 -16.90
N LYS A 431 -17.18 7.35 -17.07
CA LYS A 431 -18.29 7.54 -18.00
C LYS A 431 -19.42 8.32 -17.31
N ASN A 432 -19.26 9.63 -17.23
CA ASN A 432 -20.25 10.48 -16.59
C ASN A 432 -21.68 10.17 -17.02
N PHE A 433 -22.34 9.27 -16.31
CA PHE A 433 -23.71 8.91 -16.63
C PHE A 433 -24.65 10.08 -16.36
C1 C8E B . 7.29 -10.24 8.69
C2 C8E B . 6.23 -10.59 7.73
C3 C8E B . 5.19 -11.49 8.23
C4 C8E B . 5.40 -12.80 7.63
C5 C8E B . 5.78 -13.79 8.69
C6 C8E B . 7.12 -14.33 8.45
C7 C8E B . 7.70 -14.19 9.79
C8 C8E B . 9.16 -14.35 9.72
O9 C8E B . 10.15 -13.55 10.34
C10 C8E B . 10.22 -12.18 10.02
C11 C8E B . 11.35 -11.62 10.83
O12 C8E B . 12.25 -10.85 10.01
C13 C8E B . 13.35 -10.20 10.73
C14 C8E B . 14.89 -10.44 10.48
O15 C8E B . 15.79 -11.44 11.05
C16 C8E B . 16.41 -10.96 12.26
C17 C8E B . 17.74 -10.23 12.06
O18 C8E B . 18.41 -9.50 13.12
C19 C8E B . 18.00 -8.10 13.17
C20 C8E B . 17.86 -7.26 14.51
O21 C8E B . 16.91 -6.18 14.54
C1 C8E C . 12.22 -20.26 12.81
C2 C8E C . 12.49 -21.66 12.48
C3 C8E C . 12.57 -22.57 13.63
C4 C8E C . 13.74 -23.41 13.46
C5 C8E C . 14.63 -23.19 14.62
C6 C8E C . 15.99 -23.56 14.29
C7 C8E C . 16.71 -22.37 14.74
C8 C8E C . 17.31 -22.65 16.05
O9 C8E C . 18.50 -22.12 16.59
C10 C8E C . 19.74 -22.33 15.93
C11 C8E C . 20.76 -21.65 16.79
O12 C8E C . 21.27 -22.52 17.84
C13 C8E C . 21.12 -22.04 19.21
C14 C8E C . 19.84 -22.16 20.09
O15 C8E C . 19.63 -22.72 21.42
C16 C8E C . 19.30 -24.14 21.35
C17 C8E C . 17.78 -24.47 21.26
O18 C8E C . 16.75 -23.48 21.05
C19 C8E C . 16.22 -22.93 22.29
C20 C8E C . 15.70 -21.45 22.44
O21 C8E C . 14.70 -21.14 23.42
C1 C8E D . 0.53 29.68 -3.04
C2 C8E D . 0.53 29.07 -4.36
C3 C8E D . 1.07 27.69 -4.45
C4 C8E D . 2.52 27.80 -4.79
C5 C8E D . 3.27 26.51 -4.52
C6 C8E D . 2.91 25.94 -3.21
C7 C8E D . 4.12 25.23 -2.80
C8 C8E D . 3.99 25.10 -1.34
O9 C8E D . 4.70 24.30 -0.43
C10 C8E D . 4.67 22.88 -0.53
C11 C8E D . 5.51 22.40 0.62
O12 C8E D . 5.61 20.98 0.63
C13 C8E D . 6.67 20.43 -0.22
C14 C8E D . 8.20 20.54 0.09
O15 C8E D . 9.31 19.63 -0.10
C16 C8E D . 9.42 18.81 1.08
C17 C8E D . 10.30 19.39 2.21
O18 C8E D . 10.24 18.86 3.56
C19 C8E D . 9.24 19.53 4.40
C20 C8E D . 8.49 18.81 5.60
O21 C8E D . 7.20 18.23 5.37
C1 C8E E . -7.67 7.80 -25.36
C2 C8E E . -6.49 7.97 -24.53
C3 C8E E . -5.56 6.85 -24.58
C4 C8E E . -5.01 6.68 -23.24
C5 C8E E . -4.82 5.23 -23.03
C6 C8E E . -4.26 4.98 -21.70
C7 C8E E . -4.07 3.52 -21.78
C8 C8E E . -2.67 3.20 -22.19
O9 C8E E . -1.68 2.52 -21.44
C10 C8E E . -1.25 3.05 -20.18
C11 C8E E . -0.22 2.08 -19.65
O12 C8E E . -0.75 0.73 -19.57
C13 C8E E . -0.97 0.17 -18.21
C14 C8E E . -0.82 -1.35 -17.79
O15 C8E E . -0.41 -2.45 -18.66
C16 C8E E . -1.52 -3.15 -19.33
C17 C8E E . -2.02 -4.42 -18.58
O18 C8E E . -3.31 -5.08 -18.74
C19 C8E E . -4.32 -4.61 -17.79
C20 C8E E . -5.76 -5.28 -17.59
O21 C8E E . -5.86 -6.63 -17.12
#